data_1UCB
#
_entry.id   1UCB
#
_cell.length_a   61.100
_cell.length_b   174.300
_cell.length_c   45.600
_cell.angle_alpha   90.00
_cell.angle_beta   90.00
_cell.angle_gamma   90.00
#
_symmetry.space_group_name_H-M   'P 21 21 2'
#
loop_
_entity.id
_entity.type
_entity.pdbx_description
1 polymer 'CHIMERIC HUMAN/MOUSE IGG FAB FRAGMENT BR96'
2 polymer 'CHIMERIC HUMAN/MOUSE IGG FAB FRAGMENT BR96'
3 non-polymer 'SULFATE ION'
4 water water
#
loop_
_entity_poly.entity_id
_entity_poly.type
_entity_poly.pdbx_seq_one_letter_code
_entity_poly.pdbx_strand_id
1 'polypeptide(L)'
;DVLMTQIPVSLPVSLGDQASISCRSSQIIVHNNGNTYLEWYLQKPGQSPQLLIYKVSNRFSGVPDRFSGSGSGTDFTLKI
SRVEAEDLGVYYCFQGSHVPFTFGSGTKLEIKRTVAAPSVFIFPPSDEQLKSGTASVVCLLNNFYPREAKVQWKVDNALQ
SGNSQESVTEQDSKDSTYSLSSTLTLSKADYEKHKVYACEVTHQGLSSPVTKSFNRGEC
;
L
2 'polypeptide(L)'
;EVNLVESGGGLVQPGGSLKVSCVTSGFTFSDYYMYWVRQTPEKRLEWVAYISQGGDITDYPDTVKGRFTISRDNAKNSLY
LQMSRLKSEDTAMYYCARGLDDGAWFAYWGQGTLVTVSVASTKGPSVFPLAPSSKSTSGGTAALGCLVKDYFPQPVTVSW
NSGALTSGVHTFPAVLQSSGLYSLSSVVTVPSSSLGTQTYICNVNHKPSNTKVDKRVEP
;
H
#
loop_
_chem_comp.id
_chem_comp.type
_chem_comp.name
_chem_comp.formula
SO4 non-polymer 'SULFATE ION' 'O4 S -2'
#
# COMPACT_ATOMS: atom_id res chain seq x y z
N MET A 4 -18.67 -16.46 0.27
CA MET A 4 -19.42 -15.17 0.17
C MET A 4 -18.92 -14.41 -1.07
N THR A 5 -19.81 -13.73 -1.76
CA THR A 5 -19.45 -12.99 -2.98
C THR A 5 -19.58 -11.49 -2.78
N GLN A 6 -18.58 -10.74 -3.23
CA GLN A 6 -18.59 -9.29 -3.13
C GLN A 6 -18.58 -8.68 -4.51
N ILE A 7 -19.62 -7.90 -4.81
CA ILE A 7 -19.76 -7.24 -6.09
C ILE A 7 -20.02 -5.75 -5.91
N PRO A 8 -19.39 -4.91 -6.75
CA PRO A 8 -18.47 -5.34 -7.82
C PRO A 8 -17.04 -5.36 -7.32
N VAL A 9 -16.13 -5.75 -8.20
CA VAL A 9 -14.70 -5.80 -7.85
C VAL A 9 -14.10 -4.39 -7.96
N SER A 10 -14.47 -3.68 -9.02
CA SER A 10 -14.01 -2.32 -9.27
C SER A 10 -15.25 -1.49 -9.47
N LEU A 11 -15.31 -0.33 -8.83
CA LEU A 11 -16.45 0.54 -8.99
C LEU A 11 -16.00 1.93 -9.38
N PRO A 12 -15.83 2.18 -10.69
CA PRO A 12 -15.40 3.50 -11.15
C PRO A 12 -16.64 4.41 -11.13
N VAL A 13 -16.61 5.44 -10.30
CA VAL A 13 -17.75 6.32 -10.15
C VAL A 13 -17.33 7.80 -10.21
N SER A 14 -18.25 8.69 -10.62
CA SER A 14 -17.97 10.12 -10.71
C SER A 14 -18.39 10.82 -9.42
N LEU A 15 -17.96 12.07 -9.25
CA LEU A 15 -18.32 12.84 -8.07
C LEU A 15 -19.79 13.15 -8.15
N GLY A 16 -20.47 13.07 -7.01
CA GLY A 16 -21.89 13.36 -6.97
C GLY A 16 -22.78 12.17 -7.28
N ASP A 17 -22.19 11.17 -7.93
CA ASP A 17 -22.86 9.95 -8.32
C ASP A 17 -23.18 9.06 -7.10
N GLN A 18 -24.03 8.06 -7.30
CA GLN A 18 -24.41 7.13 -6.22
C GLN A 18 -23.65 5.84 -6.43
N ALA A 19 -23.34 5.13 -5.36
CA ALA A 19 -22.61 3.86 -5.46
C ALA A 19 -23.23 2.81 -4.56
N SER A 20 -23.09 1.55 -4.93
CA SER A 20 -23.65 0.45 -4.14
C SER A 20 -22.73 -0.78 -4.20
N ILE A 21 -22.38 -1.30 -3.02
CA ILE A 21 -21.50 -2.49 -2.86
C ILE A 21 -22.30 -3.59 -2.15
N SER A 22 -22.24 -4.81 -2.65
CA SER A 22 -22.98 -5.91 -2.04
C SER A 22 -22.17 -7.16 -1.73
N CYS A 23 -22.60 -7.85 -0.68
CA CYS A 23 -22.01 -9.11 -0.24
C CYS A 23 -23.14 -10.13 -0.10
N ARG A 24 -22.96 -11.29 -0.73
CA ARG A 24 -23.98 -12.34 -0.68
C ARG A 24 -23.44 -13.60 -0.06
N SER A 25 -24.09 -14.07 0.98
CA SER A 25 -23.68 -15.30 1.62
C SER A 25 -24.44 -16.47 1.00
N SER A 26 -24.02 -17.69 1.32
CA SER A 26 -24.67 -18.91 0.82
C SER A 26 -25.76 -19.26 1.80
N GLN A 27 -25.67 -18.67 2.99
CA GLN A 27 -26.61 -18.92 4.06
C GLN A 27 -27.45 -17.68 4.33
N ILE A 28 -28.56 -17.86 5.03
CA ILE A 28 -29.38 -16.73 5.39
C ILE A 28 -28.64 -16.17 6.60
N ILE A 29 -27.96 -15.06 6.40
CA ILE A 29 -27.21 -14.44 7.46
C ILE A 29 -27.96 -13.33 8.16
N VAL A 30 -28.72 -12.56 7.40
CA VAL A 30 -29.47 -11.43 7.96
C VAL A 30 -30.72 -11.83 8.73
N HIS A 31 -30.80 -11.35 9.96
CA HIS A 31 -31.91 -11.62 10.86
C HIS A 31 -32.42 -10.36 11.56
N ASN A 32 -33.24 -9.59 10.85
CA ASN A 32 -33.82 -8.37 11.42
C ASN A 32 -34.59 -8.82 12.66
N ASN A 33 -34.54 -7.97 13.70
CA ASN A 33 -35.17 -8.22 15.00
C ASN A 33 -34.25 -9.06 15.89
N GLY A 34 -33.36 -9.83 15.25
CA GLY A 34 -32.40 -10.63 15.98
C GLY A 34 -31.21 -9.71 16.19
N ASN A 35 -30.03 -10.14 15.78
CA ASN A 35 -28.82 -9.30 15.91
C ASN A 35 -27.70 -9.85 15.03
N THR A 36 -27.57 -9.31 13.83
CA THR A 36 -26.54 -9.77 12.91
C THR A 36 -25.32 -8.85 12.85
N TYR A 37 -24.14 -9.46 12.93
CA TYR A 37 -22.89 -8.72 12.89
C TYR A 37 -22.33 -8.72 11.50
N LEU A 38 -22.92 -7.87 10.68
CA LEU A 38 -22.53 -7.69 9.30
C LEU A 38 -21.96 -6.28 9.29
N GLU A 39 -20.69 -6.17 8.90
CA GLU A 39 -19.97 -4.90 8.90
C GLU A 39 -19.30 -4.52 7.59
N TRP A 40 -18.99 -3.23 7.47
CA TRP A 40 -18.34 -2.68 6.30
C TRP A 40 -17.11 -1.88 6.73
N TYR A 41 -15.99 -2.10 6.05
CA TYR A 41 -14.74 -1.39 6.34
C TYR A 41 -14.22 -0.66 5.12
N LEU A 42 -13.52 0.45 5.35
CA LEU A 42 -12.92 1.23 4.27
C LEU A 42 -11.43 1.32 4.58
N GLN A 43 -10.61 1.05 3.58
CA GLN A 43 -9.18 1.15 3.77
C GLN A 43 -8.65 2.07 2.68
N LYS A 44 -8.23 3.27 3.11
CA LYS A 44 -7.69 4.27 2.20
C LYS A 44 -6.21 3.92 1.97
N PRO A 45 -5.65 4.29 0.80
CA PRO A 45 -4.25 4.02 0.46
C PRO A 45 -3.28 4.23 1.62
N GLY A 46 -2.52 3.20 1.92
CA GLY A 46 -1.55 3.26 3.00
C GLY A 46 -2.15 3.69 4.31
N GLN A 47 -3.18 3.00 4.77
CA GLN A 47 -3.84 3.30 6.03
C GLN A 47 -4.44 1.99 6.51
N SER A 48 -4.71 1.90 7.80
CA SER A 48 -5.31 0.69 8.34
C SER A 48 -6.80 0.74 8.01
N PRO A 49 -7.46 -0.43 7.95
CA PRO A 49 -8.91 -0.42 7.65
C PRO A 49 -9.69 0.35 8.72
N GLN A 50 -10.81 0.94 8.32
CA GLN A 50 -11.65 1.68 9.26
C GLN A 50 -13.10 1.21 9.23
N LEU A 51 -13.75 1.24 10.39
CA LEU A 51 -15.15 0.82 10.52
C LEU A 51 -16.14 1.87 9.98
N LEU A 52 -16.96 1.47 9.00
CA LEU A 52 -17.98 2.36 8.43
C LEU A 52 -19.35 2.11 9.06
N ILE A 53 -19.82 0.87 8.96
CA ILE A 53 -21.14 0.45 9.46
C ILE A 53 -21.04 -0.87 10.21
N TYR A 54 -21.83 -0.99 11.28
CA TYR A 54 -21.88 -2.21 12.06
C TYR A 54 -23.34 -2.60 12.28
N LYS A 55 -23.56 -3.90 12.53
CA LYS A 55 -24.90 -4.44 12.73
C LYS A 55 -25.81 -4.13 11.55
N VAL A 56 -25.27 -4.32 10.35
CA VAL A 56 -25.96 -4.10 9.07
C VAL A 56 -26.30 -2.66 8.69
N SER A 57 -26.66 -1.83 9.65
CA SER A 57 -27.05 -0.46 9.33
C SER A 57 -26.67 0.68 10.29
N ASN A 58 -25.90 0.39 11.32
CA ASN A 58 -25.51 1.45 12.24
C ASN A 58 -24.23 2.04 11.74
N ARG A 59 -24.13 3.36 11.79
CA ARG A 59 -22.94 4.03 11.35
C ARG A 59 -22.03 4.25 12.55
N PHE A 60 -20.74 4.12 12.31
CA PHE A 60 -19.75 4.33 13.36
C PHE A 60 -19.59 5.84 13.52
N SER A 61 -19.18 6.30 14.70
CA SER A 61 -19.01 7.73 14.92
C SER A 61 -18.09 8.36 13.88
N GLY A 62 -18.43 9.56 13.44
CA GLY A 62 -17.63 10.23 12.44
C GLY A 62 -18.06 9.97 11.02
N VAL A 63 -18.52 8.74 10.74
CA VAL A 63 -18.97 8.36 9.40
C VAL A 63 -20.15 9.20 8.94
N PRO A 64 -20.02 9.86 7.78
CA PRO A 64 -21.03 10.72 7.16
C PRO A 64 -22.33 9.98 6.85
N ASP A 65 -23.44 10.68 6.98
CA ASP A 65 -24.76 10.13 6.70
C ASP A 65 -24.96 9.72 5.24
N ARG A 66 -23.97 10.04 4.39
CA ARG A 66 -24.03 9.66 2.97
C ARG A 66 -23.94 8.15 2.84
N PHE A 67 -23.46 7.52 3.92
CA PHE A 67 -23.30 6.09 4.00
C PHE A 67 -24.52 5.47 4.66
N SER A 68 -25.04 4.42 4.04
CA SER A 68 -26.18 3.71 4.59
C SER A 68 -25.99 2.23 4.27
N GLY A 69 -26.55 1.38 5.11
CA GLY A 69 -26.47 -0.06 4.92
C GLY A 69 -27.81 -0.69 5.21
N SER A 70 -28.10 -1.75 4.47
CA SER A 70 -29.34 -2.51 4.62
C SER A 70 -29.06 -3.97 4.27
N GLY A 71 -30.03 -4.85 4.50
CA GLY A 71 -29.80 -6.24 4.16
C GLY A 71 -31.06 -7.05 4.21
N SER A 72 -31.07 -8.14 3.46
CA SER A 72 -32.18 -9.08 3.41
C SER A 72 -31.69 -10.51 3.25
N GLY A 73 -31.90 -11.31 4.30
CA GLY A 73 -31.52 -12.71 4.30
C GLY A 73 -30.11 -13.07 3.89
N THR A 74 -29.95 -13.33 2.60
CA THR A 74 -28.68 -13.72 2.06
C THR A 74 -27.77 -12.55 1.62
N ASP A 75 -28.36 -11.36 1.47
CA ASP A 75 -27.62 -10.17 1.02
C ASP A 75 -27.53 -9.00 2.00
N PHE A 76 -26.39 -8.32 2.03
CA PHE A 76 -26.26 -7.11 2.81
C PHE A 76 -25.51 -6.12 1.91
N THR A 77 -26.02 -4.89 1.84
CA THR A 77 -25.49 -3.85 0.95
C THR A 77 -25.05 -2.53 1.58
N LEU A 78 -24.10 -1.88 0.94
CA LEU A 78 -23.63 -0.59 1.41
C LEU A 78 -23.97 0.41 0.31
N LYS A 79 -24.71 1.45 0.68
CA LYS A 79 -25.09 2.47 -0.27
C LYS A 79 -24.39 3.77 0.06
N ILE A 80 -23.77 4.38 -0.94
CA ILE A 80 -23.10 5.67 -0.79
C ILE A 80 -23.87 6.64 -1.70
N SER A 81 -24.57 7.58 -1.09
CA SER A 81 -25.30 8.56 -1.88
C SER A 81 -24.33 9.71 -2.05
N ARG A 82 -24.16 10.17 -3.28
CA ARG A 82 -23.26 11.30 -3.52
C ARG A 82 -21.81 11.01 -3.13
N VAL A 83 -21.06 10.43 -4.06
CA VAL A 83 -19.65 10.11 -3.86
C VAL A 83 -18.79 11.38 -3.79
N GLU A 84 -17.77 11.33 -2.94
CA GLU A 84 -16.83 12.44 -2.77
C GLU A 84 -15.45 11.90 -3.07
N ALA A 85 -14.49 12.80 -3.29
CA ALA A 85 -13.12 12.43 -3.62
C ALA A 85 -12.41 11.58 -2.56
N GLU A 86 -12.58 11.93 -1.29
CA GLU A 86 -11.94 11.19 -0.21
C GLU A 86 -12.64 9.86 0.13
N ASP A 87 -13.49 9.41 -0.77
CA ASP A 87 -14.19 8.16 -0.56
C ASP A 87 -13.44 7.03 -1.28
N LEU A 88 -12.38 7.36 -2.00
CA LEU A 88 -11.64 6.33 -2.72
C LEU A 88 -10.87 5.40 -1.80
N GLY A 89 -10.84 4.13 -2.18
CA GLY A 89 -10.15 3.12 -1.39
C GLY A 89 -10.78 1.77 -1.66
N VAL A 90 -10.48 0.78 -0.83
CA VAL A 90 -11.05 -0.56 -1.00
C VAL A 90 -12.09 -0.77 0.08
N TYR A 91 -13.24 -1.30 -0.29
CA TYR A 91 -14.28 -1.55 0.68
C TYR A 91 -14.37 -3.04 0.96
N TYR A 92 -14.57 -3.41 2.22
CA TYR A 92 -14.64 -4.81 2.61
C TYR A 92 -15.81 -5.06 3.54
N CYS A 93 -16.54 -6.13 3.30
CA CYS A 93 -17.63 -6.46 4.19
C CYS A 93 -17.13 -7.61 5.06
N PHE A 94 -17.58 -7.62 6.30
CA PHE A 94 -17.17 -8.67 7.19
C PHE A 94 -18.46 -9.34 7.66
N GLN A 95 -18.47 -10.66 7.59
CA GLN A 95 -19.60 -11.43 8.03
C GLN A 95 -19.18 -12.07 9.37
N GLY A 96 -19.64 -11.49 10.48
CA GLY A 96 -19.29 -12.02 11.78
C GLY A 96 -20.41 -12.57 12.65
N SER A 97 -21.35 -13.28 12.04
CA SER A 97 -22.48 -13.87 12.78
C SER A 97 -22.48 -15.39 12.61
N HIS A 98 -22.22 -15.82 11.38
CA HIS A 98 -22.20 -17.22 11.03
C HIS A 98 -20.79 -17.70 10.77
N VAL A 99 -20.39 -18.72 11.50
CA VAL A 99 -19.10 -19.32 11.33
C VAL A 99 -19.21 -20.14 10.04
N PRO A 100 -18.21 -20.04 9.15
CA PRO A 100 -16.98 -19.24 9.22
C PRO A 100 -17.13 -17.72 9.01
N PHE A 101 -16.52 -16.96 9.91
CA PHE A 101 -16.53 -15.49 9.86
C PHE A 101 -15.60 -15.08 8.71
N THR A 102 -16.19 -14.63 7.61
CA THR A 102 -15.45 -14.26 6.42
C THR A 102 -15.44 -12.76 6.11
N PHE A 103 -14.38 -12.33 5.44
CA PHE A 103 -14.22 -10.96 4.98
C PHE A 103 -14.50 -11.05 3.48
N GLY A 104 -15.07 -9.99 2.89
CA GLY A 104 -15.35 -10.01 1.47
C GLY A 104 -14.04 -9.78 0.73
N SER A 105 -13.96 -10.17 -0.53
CA SER A 105 -12.73 -10.00 -1.30
C SER A 105 -12.33 -8.54 -1.61
N GLY A 106 -13.18 -7.58 -1.24
CA GLY A 106 -12.90 -6.18 -1.46
C GLY A 106 -13.39 -5.58 -2.78
N THR A 107 -13.72 -4.30 -2.73
CA THR A 107 -14.18 -3.55 -3.90
C THR A 107 -13.33 -2.26 -4.00
N LYS A 108 -12.65 -2.11 -5.13
CA LYS A 108 -11.81 -0.94 -5.35
C LYS A 108 -12.66 0.18 -5.96
N LEU A 109 -12.89 1.24 -5.20
CA LEU A 109 -13.68 2.39 -5.66
C LEU A 109 -12.77 3.36 -6.43
N GLU A 110 -12.98 3.51 -7.73
CA GLU A 110 -12.20 4.45 -8.56
C GLU A 110 -13.07 5.65 -8.99
N ILE A 111 -12.52 6.86 -8.87
CA ILE A 111 -13.24 8.06 -9.26
C ILE A 111 -12.93 8.46 -10.70
N LYS A 112 -13.95 8.38 -11.56
CA LYS A 112 -13.80 8.74 -12.97
C LYS A 112 -13.55 10.24 -13.05
N ARG A 113 -12.79 10.66 -14.03
CA ARG A 113 -12.39 12.05 -14.13
C ARG A 113 -12.08 12.32 -15.60
N THR A 114 -11.85 13.57 -15.97
CA THR A 114 -11.52 13.86 -17.36
C THR A 114 -10.08 13.42 -17.66
N VAL A 115 -9.83 12.99 -18.90
CA VAL A 115 -8.51 12.56 -19.32
C VAL A 115 -7.47 13.65 -19.08
N ALA A 116 -6.29 13.24 -18.62
CA ALA A 116 -5.17 14.15 -18.34
C ALA A 116 -3.94 13.46 -18.90
N ALA A 117 -3.17 14.18 -19.72
CA ALA A 117 -1.95 13.63 -20.29
C ALA A 117 -0.84 13.66 -19.26
N PRO A 118 0.06 12.66 -19.31
CA PRO A 118 1.17 12.63 -18.37
C PRO A 118 2.35 13.47 -18.84
N SER A 119 3.10 14.00 -17.88
CA SER A 119 4.31 14.76 -18.19
C SER A 119 5.35 13.67 -17.99
N VAL A 120 6.19 13.41 -18.98
CA VAL A 120 7.18 12.36 -18.82
C VAL A 120 8.58 12.95 -18.59
N PHE A 121 9.31 12.36 -17.66
CA PHE A 121 10.66 12.81 -17.35
C PHE A 121 11.56 11.58 -17.41
N ILE A 122 12.79 11.73 -17.91
CA ILE A 122 13.70 10.59 -17.94
C ILE A 122 14.92 10.89 -17.07
N PHE A 123 15.30 9.90 -16.26
CA PHE A 123 16.44 10.02 -15.36
C PHE A 123 17.49 9.00 -15.75
N PRO A 124 18.67 9.46 -16.17
CA PRO A 124 19.75 8.55 -16.56
C PRO A 124 20.44 8.02 -15.28
N PRO A 125 21.18 6.90 -15.37
CA PRO A 125 21.85 6.37 -14.17
C PRO A 125 22.93 7.26 -13.54
N SER A 126 23.02 7.20 -12.22
CA SER A 126 24.03 7.98 -11.50
C SER A 126 25.35 7.23 -11.47
N ASP A 127 26.43 8.00 -11.34
CA ASP A 127 27.75 7.40 -11.30
C ASP A 127 27.92 6.40 -10.17
N GLU A 128 27.36 6.69 -9.00
CA GLU A 128 27.44 5.80 -7.86
C GLU A 128 26.94 4.42 -8.22
N GLN A 129 25.83 4.35 -8.96
CA GLN A 129 25.31 3.05 -9.34
C GLN A 129 26.22 2.44 -10.39
N LEU A 130 26.63 3.26 -11.36
CA LEU A 130 27.52 2.80 -12.40
C LEU A 130 28.75 2.22 -11.76
N LYS A 131 29.20 2.88 -10.71
CA LYS A 131 30.38 2.46 -9.97
C LYS A 131 30.12 1.10 -9.32
N SER A 132 28.87 0.82 -8.97
CA SER A 132 28.53 -0.45 -8.35
C SER A 132 28.35 -1.59 -9.34
N GLY A 133 28.25 -1.27 -10.63
CA GLY A 133 28.12 -2.33 -11.61
C GLY A 133 26.82 -2.43 -12.40
N THR A 134 25.78 -1.71 -11.97
CA THR A 134 24.51 -1.75 -12.70
C THR A 134 24.10 -0.34 -13.11
N ALA A 135 23.17 -0.25 -14.05
CA ALA A 135 22.68 1.04 -14.51
C ALA A 135 21.17 0.97 -14.64
N SER A 136 20.47 1.70 -13.78
CA SER A 136 19.02 1.76 -13.81
C SER A 136 18.58 3.10 -14.35
N VAL A 137 17.92 3.06 -15.50
CA VAL A 137 17.40 4.28 -16.11
C VAL A 137 15.88 4.33 -15.83
N VAL A 138 15.41 5.42 -15.25
CA VAL A 138 14.00 5.59 -14.88
C VAL A 138 13.20 6.52 -15.80
N CYS A 139 11.97 6.10 -16.09
CA CYS A 139 11.08 6.89 -16.91
C CYS A 139 9.91 7.15 -16.00
N LEU A 140 9.52 8.40 -15.87
CA LEU A 140 8.44 8.76 -14.95
C LEU A 140 7.26 9.44 -15.65
N LEU A 141 6.09 8.80 -15.60
CA LEU A 141 4.89 9.39 -16.16
C LEU A 141 4.21 10.01 -14.95
N ASN A 142 4.04 11.32 -14.95
CA ASN A 142 3.45 11.98 -13.81
C ASN A 142 2.04 12.55 -14.03
N ASN A 143 1.23 12.39 -12.98
CA ASN A 143 -0.15 12.88 -12.89
C ASN A 143 -1.02 12.77 -14.15
N PHE A 144 -1.50 11.57 -14.41
CA PHE A 144 -2.33 11.32 -15.59
C PHE A 144 -3.59 10.53 -15.25
N TYR A 145 -4.50 10.47 -16.21
CA TYR A 145 -5.75 9.73 -16.09
C TYR A 145 -6.24 9.49 -17.50
N PRO A 146 -6.68 8.27 -17.82
CA PRO A 146 -6.78 7.06 -16.99
C PRO A 146 -5.45 6.33 -16.71
N ARG A 147 -5.50 5.33 -15.84
CA ARG A 147 -4.33 4.53 -15.44
C ARG A 147 -3.63 3.82 -16.59
N GLU A 148 -4.40 3.49 -17.62
CA GLU A 148 -3.86 2.79 -18.78
C GLU A 148 -2.86 3.64 -19.57
N ALA A 149 -1.62 3.15 -19.65
CA ALA A 149 -0.55 3.82 -20.38
C ALA A 149 0.43 2.74 -20.83
N LYS A 150 1.13 3.00 -21.93
CA LYS A 150 2.10 2.06 -22.46
C LYS A 150 3.49 2.68 -22.58
N VAL A 151 4.44 2.18 -21.81
CA VAL A 151 5.82 2.66 -21.82
C VAL A 151 6.72 1.63 -22.52
N GLN A 152 7.46 2.06 -23.54
CA GLN A 152 8.36 1.14 -24.25
C GLN A 152 9.77 1.69 -24.33
N TRP A 153 10.74 0.87 -23.98
CA TRP A 153 12.11 1.31 -24.01
C TRP A 153 12.78 1.00 -25.34
N LYS A 154 13.59 1.95 -25.82
CA LYS A 154 14.32 1.82 -27.07
C LYS A 154 15.79 2.06 -26.74
N VAL A 155 16.64 1.13 -27.12
CA VAL A 155 18.07 1.32 -26.89
C VAL A 155 18.70 1.23 -28.28
N ASP A 156 19.15 2.37 -28.79
CA ASP A 156 19.73 2.47 -30.13
C ASP A 156 18.67 2.03 -31.14
N ASN A 157 17.47 2.57 -30.96
CA ASN A 157 16.30 2.29 -31.79
C ASN A 157 15.78 0.87 -31.66
N ALA A 158 16.40 0.10 -30.77
CA ALA A 158 15.97 -1.28 -30.56
C ALA A 158 15.04 -1.37 -29.36
N LEU A 159 13.90 -2.02 -29.56
CA LEU A 159 12.90 -2.18 -28.52
C LEU A 159 13.38 -3.17 -27.47
N GLN A 160 13.35 -2.75 -26.21
CA GLN A 160 13.77 -3.59 -25.10
C GLN A 160 12.64 -4.51 -24.66
N SER A 161 12.99 -5.73 -24.27
CA SER A 161 12.01 -6.70 -23.82
C SER A 161 12.50 -7.42 -22.55
N GLY A 162 11.60 -7.60 -21.61
CA GLY A 162 11.91 -8.30 -20.37
C GLY A 162 12.91 -7.72 -19.38
N ASN A 163 13.43 -6.52 -19.61
CA ASN A 163 14.40 -5.94 -18.69
C ASN A 163 14.00 -4.62 -18.00
N SER A 164 12.70 -4.40 -17.83
CA SER A 164 12.20 -3.19 -17.19
C SER A 164 11.03 -3.53 -16.29
N GLN A 165 10.75 -2.65 -15.33
CA GLN A 165 9.62 -2.87 -14.42
C GLN A 165 8.83 -1.61 -14.16
N GLU A 166 7.51 -1.79 -14.08
CA GLU A 166 6.61 -0.68 -13.86
C GLU A 166 6.02 -0.74 -12.45
N SER A 167 5.74 0.45 -11.92
CA SER A 167 5.10 0.63 -10.62
C SER A 167 4.13 1.78 -10.80
N VAL A 168 2.95 1.68 -10.20
CA VAL A 168 1.91 2.69 -10.30
C VAL A 168 1.40 3.03 -8.92
N THR A 169 1.17 4.30 -8.67
CA THR A 169 0.64 4.71 -7.37
C THR A 169 -0.87 4.53 -7.39
N GLU A 170 -1.49 4.55 -6.22
CA GLU A 170 -2.94 4.45 -6.16
C GLU A 170 -3.43 5.81 -6.61
N GLN A 171 -4.74 5.99 -6.67
CA GLN A 171 -5.28 7.25 -7.12
C GLN A 171 -5.12 8.36 -6.09
N ASP A 172 -4.71 9.53 -6.57
CA ASP A 172 -4.49 10.70 -5.76
C ASP A 172 -5.82 11.30 -5.32
N SER A 173 -5.97 11.50 -4.01
CA SER A 173 -7.20 12.06 -3.44
C SER A 173 -7.43 13.52 -3.84
N LYS A 174 -6.33 14.27 -3.95
CA LYS A 174 -6.38 15.67 -4.32
C LYS A 174 -6.88 15.92 -5.73
N ASP A 175 -6.42 15.13 -6.69
CA ASP A 175 -6.83 15.33 -8.07
C ASP A 175 -7.27 14.12 -8.87
N SER A 176 -7.36 12.97 -8.22
CA SER A 176 -7.77 11.74 -8.87
C SER A 176 -6.87 11.25 -10.01
N THR A 177 -5.58 11.52 -9.90
CA THR A 177 -4.64 11.09 -10.94
C THR A 177 -3.78 9.94 -10.47
N TYR A 178 -3.07 9.36 -11.42
CA TYR A 178 -2.15 8.27 -11.18
C TYR A 178 -0.74 8.71 -11.60
N SER A 179 0.27 7.96 -11.18
CA SER A 179 1.65 8.22 -11.56
C SER A 179 2.20 6.84 -11.78
N LEU A 180 3.08 6.71 -12.76
CA LEU A 180 3.67 5.43 -13.08
C LEU A 180 5.18 5.61 -13.17
N SER A 181 5.92 4.51 -13.06
CA SER A 181 7.36 4.54 -13.09
C SER A 181 7.93 3.29 -13.76
N SER A 182 8.74 3.47 -14.80
CA SER A 182 9.33 2.35 -15.48
C SER A 182 10.84 2.41 -15.33
N THR A 183 11.43 1.33 -14.83
CA THR A 183 12.86 1.27 -14.60
C THR A 183 13.53 0.20 -15.48
N LEU A 184 14.45 0.62 -16.34
CA LEU A 184 15.18 -0.30 -17.20
C LEU A 184 16.50 -0.52 -16.45
N THR A 185 16.78 -1.77 -16.08
CA THR A 185 18.01 -2.09 -15.35
C THR A 185 18.96 -2.92 -16.22
N LEU A 186 20.21 -2.48 -16.28
CA LEU A 186 21.25 -3.15 -17.07
C LEU A 186 22.56 -3.22 -16.27
N SER A 187 23.55 -3.85 -16.86
CA SER A 187 24.86 -3.96 -16.23
C SER A 187 25.69 -2.85 -16.85
N LYS A 188 26.61 -2.25 -16.09
CA LYS A 188 27.43 -1.17 -16.63
C LYS A 188 27.99 -1.53 -18.02
N ALA A 189 28.32 -2.81 -18.21
CA ALA A 189 28.87 -3.29 -19.48
C ALA A 189 27.93 -2.94 -20.63
N ASP A 190 26.73 -3.52 -20.61
CA ASP A 190 25.72 -3.30 -21.64
C ASP A 190 25.34 -1.83 -21.75
N TYR A 191 25.31 -1.15 -20.62
CA TYR A 191 24.98 0.25 -20.62
C TYR A 191 26.02 0.97 -21.48
N GLU A 192 27.29 0.69 -21.22
CA GLU A 192 28.40 1.29 -21.94
C GLU A 192 28.33 1.00 -23.43
N LYS A 193 27.83 -0.17 -23.78
CA LYS A 193 27.72 -0.58 -25.17
C LYS A 193 26.71 0.18 -26.05
N HIS A 194 25.94 1.10 -25.45
CA HIS A 194 24.94 1.85 -26.21
C HIS A 194 24.98 3.35 -25.94
N LYS A 195 24.37 4.13 -26.82
CA LYS A 195 24.38 5.58 -26.68
C LYS A 195 23.00 6.20 -26.46
N VAL A 196 22.08 5.91 -27.38
CA VAL A 196 20.73 6.45 -27.31
C VAL A 196 19.79 5.64 -26.44
N TYR A 197 19.26 6.27 -25.40
CA TYR A 197 18.32 5.64 -24.48
C TYR A 197 17.01 6.39 -24.56
N ALA A 198 16.00 5.74 -25.12
CA ALA A 198 14.70 6.36 -25.29
C ALA A 198 13.56 5.68 -24.55
N CYS A 199 12.61 6.52 -24.14
CA CYS A 199 11.43 6.06 -23.43
C CYS A 199 10.20 6.64 -24.14
N GLU A 200 9.47 5.77 -24.82
CA GLU A 200 8.28 6.18 -25.56
C GLU A 200 7.00 5.80 -24.82
N VAL A 201 6.20 6.81 -24.48
CA VAL A 201 4.95 6.57 -23.79
C VAL A 201 3.74 6.82 -24.68
N THR A 202 2.72 6.00 -24.48
CA THR A 202 1.49 6.08 -25.24
C THR A 202 0.32 6.11 -24.25
N HIS A 203 -0.35 7.26 -24.16
CA HIS A 203 -1.49 7.40 -23.25
C HIS A 203 -2.63 8.06 -24.01
N GLN A 204 -3.86 7.78 -23.58
CA GLN A 204 -5.08 8.34 -24.18
C GLN A 204 -5.06 9.86 -24.32
N GLY A 205 -4.42 10.55 -23.39
CA GLY A 205 -4.36 12.00 -23.43
C GLY A 205 -3.38 12.55 -24.43
N LEU A 206 -2.60 11.67 -25.05
CA LEU A 206 -1.60 12.08 -26.02
C LEU A 206 -1.95 11.56 -27.40
N SER A 207 -2.22 12.49 -28.31
CA SER A 207 -2.55 12.20 -29.70
C SER A 207 -1.41 11.45 -30.41
N SER A 208 -0.20 11.76 -30.01
CA SER A 208 0.98 11.13 -30.58
C SER A 208 1.87 10.71 -29.44
N PRO A 209 2.44 9.50 -29.53
CA PRO A 209 3.33 8.99 -28.48
C PRO A 209 4.55 9.88 -28.26
N VAL A 210 4.82 10.17 -27.00
CA VAL A 210 5.96 11.00 -26.61
C VAL A 210 7.19 10.15 -26.36
N THR A 211 8.33 10.61 -26.83
CA THR A 211 9.61 9.92 -26.63
C THR A 211 10.57 10.82 -25.89
N LYS A 212 11.02 10.38 -24.72
CA LYS A 212 11.96 11.15 -23.92
C LYS A 212 13.22 10.30 -23.94
N SER A 213 14.29 10.82 -24.54
CA SER A 213 15.56 10.09 -24.63
C SER A 213 16.76 10.92 -24.19
N PHE A 214 17.92 10.29 -24.18
CA PHE A 214 19.17 10.96 -23.82
C PHE A 214 20.34 10.17 -24.41
N ASN A 215 21.46 10.87 -24.59
CA ASN A 215 22.69 10.26 -25.11
C ASN A 215 23.62 10.03 -23.94
N ARG A 216 24.07 8.79 -23.82
CA ARG A 216 24.96 8.37 -22.75
C ARG A 216 26.15 9.30 -22.60
N GLY A 217 26.34 9.82 -21.38
CA GLY A 217 27.45 10.71 -21.07
C GLY A 217 27.49 11.99 -21.89
N GLU A 218 28.31 11.99 -22.93
CA GLU A 218 28.43 13.15 -23.80
C GLU A 218 27.15 13.17 -24.61
N CYS A 219 26.20 13.93 -24.07
CA CYS A 219 24.87 14.09 -24.61
C CYS A 219 24.88 14.82 -25.97
N GLU B 1 -6.97 9.12 23.99
CA GLU B 1 -7.56 8.61 22.72
C GLU B 1 -7.17 7.15 22.62
N VAL B 2 -8.10 6.27 22.27
CA VAL B 2 -7.80 4.85 22.16
C VAL B 2 -6.71 4.60 21.11
N ASN B 3 -5.59 4.05 21.58
CA ASN B 3 -4.42 3.75 20.74
C ASN B 3 -4.07 2.26 20.78
N LEU B 4 -3.65 1.72 19.63
CA LEU B 4 -3.26 0.33 19.52
C LEU B 4 -1.96 0.27 18.71
N VAL B 5 -0.85 0.05 19.40
CA VAL B 5 0.45 -0.01 18.74
C VAL B 5 1.04 -1.42 18.70
N GLU B 6 1.16 -1.95 17.49
CA GLU B 6 1.70 -3.28 17.27
C GLU B 6 3.22 -3.24 17.14
N SER B 7 3.84 -4.40 17.35
CA SER B 7 5.30 -4.51 17.24
C SER B 7 5.75 -5.98 17.26
N GLY B 8 7.02 -6.19 16.92
CA GLY B 8 7.59 -7.54 16.92
C GLY B 8 7.67 -8.22 15.58
N GLY B 9 7.11 -7.58 14.56
CA GLY B 9 7.13 -8.17 13.24
C GLY B 9 8.51 -8.14 12.61
N GLY B 10 8.83 -9.15 11.82
CA GLY B 10 10.12 -9.21 11.17
C GLY B 10 10.23 -10.37 10.22
N LEU B 11 11.45 -10.70 9.84
CA LEU B 11 11.72 -11.82 8.93
C LEU B 11 11.96 -13.09 9.76
N VAL B 12 11.23 -14.15 9.42
CA VAL B 12 11.36 -15.44 10.09
C VAL B 12 11.50 -16.48 9.01
N GLN B 13 12.28 -17.52 9.27
CA GLN B 13 12.46 -18.57 8.29
C GLN B 13 11.30 -19.51 8.46
N PRO B 14 10.90 -20.19 7.38
CA PRO B 14 9.78 -21.13 7.43
C PRO B 14 9.99 -22.17 8.55
N GLY B 15 8.96 -22.35 9.39
CA GLY B 15 9.04 -23.29 10.47
C GLY B 15 9.42 -22.62 11.78
N GLY B 16 9.81 -21.35 11.70
CA GLY B 16 10.20 -20.59 12.88
C GLY B 16 9.04 -20.10 13.74
N SER B 17 9.37 -19.37 14.81
CA SER B 17 8.37 -18.82 15.74
C SER B 17 8.55 -17.31 15.88
N LEU B 18 7.51 -16.60 16.29
CA LEU B 18 7.60 -15.16 16.45
C LEU B 18 6.47 -14.73 17.35
N LYS B 19 6.67 -13.66 18.11
CA LYS B 19 5.64 -13.16 18.99
C LYS B 19 5.47 -11.66 18.79
N VAL B 20 4.35 -11.27 18.21
CA VAL B 20 4.05 -9.87 17.98
C VAL B 20 3.26 -9.38 19.18
N SER B 21 3.41 -8.11 19.51
CA SER B 21 2.70 -7.57 20.66
C SER B 21 1.90 -6.34 20.27
N CYS B 22 0.89 -6.06 21.07
CA CYS B 22 -0.02 -4.95 20.85
C CYS B 22 -0.24 -4.24 22.18
N VAL B 23 0.30 -3.04 22.30
CA VAL B 23 0.14 -2.27 23.54
C VAL B 23 -1.01 -1.31 23.29
N THR B 24 -1.98 -1.29 24.20
CA THR B 24 -3.14 -0.44 24.05
C THR B 24 -3.14 0.71 25.04
N SER B 25 -4.10 1.63 24.88
CA SER B 25 -4.23 2.78 25.75
C SER B 25 -5.49 3.57 25.38
N GLY B 26 -5.98 4.39 26.30
CA GLY B 26 -7.18 5.19 26.03
C GLY B 26 -8.49 4.47 26.27
N PHE B 27 -8.42 3.34 26.97
CA PHE B 27 -9.59 2.55 27.30
C PHE B 27 -9.15 1.48 28.28
N THR B 28 -10.11 0.93 28.99
CA THR B 28 -9.83 -0.10 29.97
C THR B 28 -9.69 -1.45 29.30
N PHE B 29 -8.44 -1.82 29.01
CA PHE B 29 -8.09 -3.08 28.37
C PHE B 29 -8.92 -4.27 28.86
N SER B 30 -9.05 -4.41 30.18
CA SER B 30 -9.79 -5.52 30.80
C SER B 30 -11.26 -5.70 30.45
N ASP B 31 -11.88 -4.67 29.87
CA ASP B 31 -13.30 -4.72 29.50
C ASP B 31 -13.59 -5.27 28.11
N TYR B 32 -12.59 -5.24 27.23
CA TYR B 32 -12.82 -5.66 25.86
C TYR B 32 -12.22 -6.96 25.34
N TYR B 33 -12.87 -7.50 24.31
CA TYR B 33 -12.41 -8.69 23.62
C TYR B 33 -11.42 -8.10 22.65
N MET B 34 -10.29 -8.76 22.48
CA MET B 34 -9.27 -8.26 21.58
C MET B 34 -9.20 -9.17 20.37
N TYR B 35 -8.62 -8.67 19.27
CA TYR B 35 -8.53 -9.44 18.04
C TYR B 35 -7.25 -9.21 17.27
N TRP B 36 -6.93 -10.18 16.43
CA TRP B 36 -5.79 -10.10 15.55
C TRP B 36 -6.38 -10.42 14.18
N VAL B 37 -6.15 -9.54 13.23
CA VAL B 37 -6.62 -9.71 11.89
C VAL B 37 -5.34 -9.55 11.07
N ARG B 38 -5.30 -10.08 9.86
CA ARG B 38 -4.10 -9.94 9.04
C ARG B 38 -4.47 -9.66 7.60
N GLN B 39 -3.58 -8.97 6.91
CA GLN B 39 -3.78 -8.66 5.51
C GLN B 39 -2.62 -9.23 4.72
N THR B 40 -2.96 -10.16 3.84
CA THR B 40 -1.96 -10.80 3.03
C THR B 40 -1.51 -9.80 1.95
N PRO B 41 -0.43 -10.13 1.24
CA PRO B 41 0.11 -9.27 0.17
C PRO B 41 -0.88 -8.94 -0.92
N GLU B 42 -1.83 -9.83 -1.17
CA GLU B 42 -2.84 -9.60 -2.19
C GLU B 42 -3.93 -8.67 -1.68
N LYS B 43 -3.67 -8.09 -0.51
CA LYS B 43 -4.58 -7.17 0.15
C LYS B 43 -5.85 -7.85 0.62
N ARG B 44 -5.73 -9.12 0.97
CA ARG B 44 -6.89 -9.86 1.49
C ARG B 44 -6.85 -9.79 3.02
N LEU B 45 -8.02 -9.75 3.63
CA LEU B 45 -8.12 -9.66 5.07
C LEU B 45 -8.63 -10.95 5.65
N GLU B 46 -8.10 -11.30 6.82
CA GLU B 46 -8.48 -12.52 7.53
C GLU B 46 -8.46 -12.31 9.02
N TRP B 47 -9.48 -12.79 9.70
CA TRP B 47 -9.53 -12.70 11.15
C TRP B 47 -8.70 -13.94 11.57
N VAL B 48 -7.77 -13.77 12.52
CA VAL B 48 -6.95 -14.89 12.97
C VAL B 48 -7.07 -15.30 14.42
N ALA B 49 -7.74 -14.49 15.24
CA ALA B 49 -7.90 -14.83 16.65
C ALA B 49 -8.61 -13.78 17.48
N TYR B 50 -9.30 -14.25 18.51
CA TYR B 50 -9.97 -13.37 19.44
C TYR B 50 -9.75 -13.94 20.85
N ILE B 51 -9.94 -13.11 21.85
CA ILE B 51 -9.76 -13.51 23.24
C ILE B 51 -10.69 -12.75 24.18
N SER B 52 -11.26 -13.50 25.12
CA SER B 52 -12.15 -12.93 26.11
C SER B 52 -11.34 -11.94 26.93
N GLN B 53 -12.02 -10.95 27.51
CA GLN B 53 -11.37 -9.95 28.33
C GLN B 53 -10.65 -10.57 29.52
N GLY B 54 -11.23 -11.63 30.08
CA GLY B 54 -10.61 -12.29 31.21
C GLY B 54 -9.54 -13.28 30.76
N GLY B 55 -9.33 -13.37 29.45
CA GLY B 55 -8.35 -14.28 28.89
C GLY B 55 -8.79 -15.73 28.93
N ASP B 56 -10.02 -15.97 29.37
CA ASP B 56 -10.59 -17.32 29.49
C ASP B 56 -11.08 -18.00 28.21
N ILE B 57 -11.58 -17.21 27.26
CA ILE B 57 -12.07 -17.74 25.99
C ILE B 57 -11.16 -17.33 24.84
N THR B 58 -10.90 -18.26 23.93
CA THR B 58 -10.06 -17.99 22.76
C THR B 58 -10.64 -18.76 21.58
N ASP B 59 -10.28 -18.34 20.36
CA ASP B 59 -10.78 -18.98 19.15
C ASP B 59 -9.96 -18.52 17.95
N TYR B 60 -9.78 -19.40 16.97
CA TYR B 60 -9.00 -19.11 15.77
C TYR B 60 -9.61 -19.83 14.57
N PRO B 61 -9.26 -19.39 13.34
CA PRO B 61 -9.80 -20.05 12.15
C PRO B 61 -9.04 -21.38 12.02
N ASP B 62 -9.44 -22.21 11.07
CA ASP B 62 -8.76 -23.49 10.89
C ASP B 62 -7.41 -23.39 10.18
N THR B 63 -7.15 -22.25 9.56
CA THR B 63 -5.88 -22.02 8.86
C THR B 63 -4.76 -21.72 9.86
N VAL B 64 -5.17 -21.29 11.04
CA VAL B 64 -4.23 -20.90 12.07
C VAL B 64 -4.41 -21.66 13.38
N LYS B 65 -5.50 -22.39 13.52
CA LYS B 65 -5.74 -23.15 14.76
C LYS B 65 -4.67 -24.21 15.00
N GLY B 66 -4.05 -24.15 16.17
CA GLY B 66 -3.02 -25.11 16.52
C GLY B 66 -1.62 -24.54 16.54
N ARG B 67 -1.34 -23.58 15.65
CA ARG B 67 0.00 -22.97 15.55
C ARG B 67 0.13 -21.62 16.26
N PHE B 68 -0.94 -20.82 16.16
CA PHE B 68 -0.96 -19.48 16.76
C PHE B 68 -1.64 -19.51 18.12
N THR B 69 -1.18 -18.64 19.01
CA THR B 69 -1.73 -18.57 20.35
C THR B 69 -1.88 -17.10 20.74
N ILE B 70 -3.10 -16.72 21.12
CA ILE B 70 -3.39 -15.35 21.52
C ILE B 70 -3.37 -15.28 23.05
N SER B 71 -2.81 -14.20 23.57
CA SER B 71 -2.73 -13.98 25.01
C SER B 71 -2.81 -12.48 25.33
N ARG B 72 -3.07 -12.17 26.59
CA ARG B 72 -3.19 -10.78 27.01
C ARG B 72 -2.65 -10.63 28.42
N ASP B 73 -2.15 -9.45 28.73
CA ASP B 73 -1.61 -9.15 30.05
C ASP B 73 -2.38 -7.95 30.53
N ASN B 74 -3.53 -8.20 31.14
CA ASN B 74 -4.40 -7.14 31.63
C ASN B 74 -3.73 -6.07 32.49
N ALA B 75 -2.65 -6.46 33.15
CA ALA B 75 -1.88 -5.56 34.00
C ALA B 75 -1.03 -4.63 33.15
N LYS B 76 -0.39 -5.18 32.11
CA LYS B 76 0.46 -4.41 31.23
C LYS B 76 -0.25 -3.82 30.02
N ASN B 77 -1.57 -4.06 29.95
CA ASN B 77 -2.40 -3.55 28.86
C ASN B 77 -1.89 -4.00 27.49
N SER B 78 -1.34 -5.21 27.43
CA SER B 78 -0.80 -5.71 26.18
C SER B 78 -1.50 -6.97 25.70
N LEU B 79 -1.48 -7.18 24.38
CA LEU B 79 -2.08 -8.32 23.73
C LEU B 79 -0.95 -9.01 22.96
N TYR B 80 -0.93 -10.34 22.93
CA TYR B 80 0.12 -11.06 22.23
C TYR B 80 -0.42 -12.10 21.27
N LEU B 81 0.42 -12.50 20.32
CA LEU B 81 0.10 -13.53 19.35
C LEU B 81 1.40 -14.30 19.09
N GLN B 82 1.54 -15.45 19.73
CA GLN B 82 2.70 -16.29 19.52
C GLN B 82 2.37 -17.09 18.27
N MET B 83 3.22 -17.00 17.26
CA MET B 83 3.00 -17.71 16.01
C MET B 83 4.06 -18.76 15.91
N SER B 84 3.67 -19.94 15.43
CA SER B 84 4.56 -21.08 15.31
C SER B 84 4.26 -21.85 14.05
N ARG B 85 5.17 -22.73 13.67
CA ARG B 85 5.01 -23.55 12.47
C ARG B 85 4.76 -22.67 11.24
N LEU B 86 5.31 -21.45 11.30
CA LEU B 86 5.18 -20.44 10.26
C LEU B 86 5.41 -20.93 8.86
N LYS B 87 4.51 -20.57 7.96
CA LYS B 87 4.58 -20.95 6.56
C LYS B 87 4.67 -19.67 5.75
N SER B 88 5.01 -19.79 4.48
CA SER B 88 5.10 -18.63 3.61
C SER B 88 3.75 -17.92 3.61
N GLU B 89 2.69 -18.72 3.64
CA GLU B 89 1.32 -18.22 3.64
C GLU B 89 1.02 -17.33 4.84
N ASP B 90 1.82 -17.43 5.90
CA ASP B 90 1.60 -16.59 7.06
C ASP B 90 2.14 -15.18 6.87
N THR B 91 2.88 -14.97 5.77
CA THR B 91 3.41 -13.63 5.46
C THR B 91 2.24 -12.67 5.30
N ALA B 92 2.10 -11.74 6.24
CA ALA B 92 1.02 -10.77 6.17
C ALA B 92 1.26 -9.63 7.14
N MET B 93 0.44 -8.59 7.05
CA MET B 93 0.49 -7.45 7.95
C MET B 93 -0.49 -7.84 9.08
N TYR B 94 -0.03 -7.88 10.33
CA TYR B 94 -0.90 -8.27 11.43
C TYR B 94 -1.40 -7.08 12.21
N TYR B 95 -2.71 -7.00 12.40
CA TYR B 95 -3.34 -5.91 13.12
C TYR B 95 -3.98 -6.39 14.38
N CYS B 96 -4.03 -5.52 15.39
CA CYS B 96 -4.74 -5.84 16.62
C CYS B 96 -5.90 -4.83 16.61
N ALA B 97 -7.06 -5.27 17.07
CA ALA B 97 -8.23 -4.41 17.06
C ALA B 97 -9.09 -4.72 18.25
N ARG B 98 -9.99 -3.81 18.56
CA ARG B 98 -10.88 -4.05 19.69
C ARG B 98 -12.33 -3.73 19.34
N GLY B 99 -13.22 -4.45 20.01
CA GLY B 99 -14.63 -4.29 19.77
C GLY B 99 -15.25 -2.96 20.15
N LEU B 100 -16.58 -2.95 20.07
CA LEU B 100 -17.39 -1.80 20.37
C LEU B 100 -18.60 -2.40 21.08
N ASP B 101 -18.79 -2.08 22.36
CA ASP B 101 -19.89 -2.61 23.16
C ASP B 101 -21.24 -2.68 22.48
N ASP B 102 -21.54 -1.68 21.64
CA ASP B 102 -22.81 -1.62 20.93
C ASP B 102 -23.02 -2.84 20.00
N GLY B 103 -21.97 -3.27 19.32
CA GLY B 103 -22.09 -4.43 18.44
C GLY B 103 -21.21 -4.44 17.22
N ALA B 104 -19.93 -4.17 17.41
CA ALA B 104 -19.00 -4.17 16.29
C ALA B 104 -17.77 -4.99 16.67
N TRP B 105 -17.21 -5.69 15.69
CA TRP B 105 -16.03 -6.52 15.91
C TRP B 105 -14.77 -5.67 15.92
N PHE B 106 -14.43 -5.11 14.77
CA PHE B 106 -13.21 -4.36 14.61
C PHE B 106 -13.40 -2.85 14.49
N ALA B 107 -13.79 -2.22 15.60
CA ALA B 107 -14.02 -0.77 15.62
C ALA B 107 -12.73 0.08 15.67
N TYR B 108 -11.72 -0.42 16.35
CA TYR B 108 -10.42 0.26 16.47
C TYR B 108 -9.31 -0.65 15.98
N TRP B 109 -8.45 -0.12 15.11
CA TRP B 109 -7.34 -0.90 14.54
C TRP B 109 -5.98 -0.28 14.83
N GLY B 110 -4.96 -1.10 14.89
CA GLY B 110 -3.62 -0.60 15.11
C GLY B 110 -3.01 -0.27 13.77
N GLN B 111 -1.74 0.11 13.74
CA GLN B 111 -1.07 0.44 12.49
C GLN B 111 -0.63 -0.77 11.66
N GLY B 112 -0.54 -1.93 12.28
CA GLY B 112 -0.13 -3.12 11.56
C GLY B 112 1.36 -3.40 11.64
N THR B 113 1.73 -4.67 11.77
CA THR B 113 3.12 -5.09 11.86
C THR B 113 3.34 -6.20 10.83
N LEU B 114 4.28 -5.98 9.93
CA LEU B 114 4.56 -6.92 8.86
C LEU B 114 5.42 -8.11 9.26
N VAL B 115 4.94 -9.31 8.96
CA VAL B 115 5.69 -10.53 9.25
C VAL B 115 5.98 -11.16 7.89
N THR B 116 7.24 -11.38 7.59
CA THR B 116 7.64 -11.97 6.32
C THR B 116 8.27 -13.32 6.65
N VAL B 117 7.70 -14.40 6.13
CA VAL B 117 8.25 -15.72 6.40
C VAL B 117 8.99 -16.12 5.14
N SER B 118 10.32 -16.09 5.21
CA SER B 118 11.17 -16.40 4.07
C SER B 118 12.49 -17.05 4.49
N VAL B 119 13.17 -17.69 3.54
CA VAL B 119 14.47 -18.30 3.78
C VAL B 119 15.59 -17.31 3.42
N ALA B 120 15.22 -16.25 2.73
CA ALA B 120 16.18 -15.23 2.31
C ALA B 120 16.60 -14.41 3.50
N SER B 121 17.73 -13.73 3.36
CA SER B 121 18.28 -12.90 4.44
C SER B 121 18.06 -11.39 4.27
N THR B 122 18.16 -10.67 5.39
CA THR B 122 18.00 -9.23 5.46
C THR B 122 19.09 -8.52 4.67
N LYS B 123 18.69 -7.56 3.83
CA LYS B 123 19.65 -6.82 3.05
C LYS B 123 19.28 -5.35 3.12
N GLY B 124 20.29 -4.51 3.28
CA GLY B 124 20.07 -3.08 3.34
C GLY B 124 20.03 -2.56 1.92
N PRO B 125 19.27 -1.50 1.66
CA PRO B 125 19.22 -1.00 0.30
C PRO B 125 20.30 0.03 -0.01
N SER B 126 20.53 0.24 -1.29
CA SER B 126 21.46 1.25 -1.75
C SER B 126 20.55 2.38 -2.23
N VAL B 127 20.89 3.63 -1.91
CA VAL B 127 20.08 4.77 -2.33
C VAL B 127 20.83 5.59 -3.36
N PHE B 128 20.26 5.71 -4.56
CA PHE B 128 20.88 6.49 -5.63
C PHE B 128 20.00 7.69 -5.93
N PRO B 129 20.61 8.84 -6.23
CA PRO B 129 19.77 10.02 -6.52
C PRO B 129 19.26 10.01 -7.96
N LEU B 130 18.06 10.55 -8.14
CA LEU B 130 17.45 10.70 -9.47
C LEU B 130 17.59 12.20 -9.67
N ALA B 131 18.76 12.58 -10.16
CA ALA B 131 19.13 13.96 -10.35
C ALA B 131 18.36 14.72 -11.40
N PRO B 132 17.94 15.93 -11.06
CA PRO B 132 17.19 16.79 -11.97
C PRO B 132 18.07 17.20 -13.15
N SER B 133 17.50 17.13 -14.35
CA SER B 133 18.21 17.49 -15.56
C SER B 133 17.20 18.15 -16.50
N SER B 134 17.63 18.49 -17.71
CA SER B 134 16.75 19.11 -18.69
C SER B 134 15.73 18.06 -19.17
N LYS B 135 16.08 16.80 -18.93
CA LYS B 135 15.25 15.66 -19.28
C LYS B 135 14.16 15.48 -18.23
N SER B 136 14.39 16.04 -17.05
CA SER B 136 13.43 15.95 -15.96
C SER B 136 12.83 17.32 -15.63
N THR B 137 12.85 18.23 -16.59
CA THR B 137 12.28 19.56 -16.36
C THR B 137 11.29 19.92 -17.46
N SER B 138 10.06 20.21 -17.02
CA SER B 138 8.98 20.59 -17.91
C SER B 138 8.34 21.87 -17.37
N GLY B 139 8.42 22.94 -18.15
CA GLY B 139 7.87 24.22 -17.74
C GLY B 139 8.69 24.74 -16.57
N GLY B 140 8.01 25.24 -15.54
CA GLY B 140 8.72 25.71 -14.38
C GLY B 140 8.81 24.57 -13.38
N THR B 141 8.72 23.33 -13.86
CA THR B 141 8.75 22.16 -13.00
C THR B 141 9.85 21.17 -13.33
N ALA B 142 10.64 20.84 -12.32
CA ALA B 142 11.71 19.87 -12.47
C ALA B 142 11.30 18.69 -11.58
N ALA B 143 11.73 17.49 -11.92
CA ALA B 143 11.43 16.33 -11.14
C ALA B 143 12.75 15.74 -10.67
N LEU B 144 12.77 15.24 -9.44
CA LEU B 144 13.96 14.64 -8.86
C LEU B 144 13.53 13.56 -7.87
N GLY B 145 14.45 12.70 -7.49
CA GLY B 145 14.10 11.65 -6.55
C GLY B 145 15.25 10.80 -6.02
N CYS B 146 14.89 9.60 -5.59
CA CYS B 146 15.81 8.62 -5.04
C CYS B 146 15.32 7.24 -5.41
N LEU B 147 16.27 6.36 -5.70
CA LEU B 147 16.00 4.98 -6.06
C LEU B 147 16.56 4.15 -4.90
N VAL B 148 15.65 3.60 -4.10
CA VAL B 148 16.01 2.76 -2.97
C VAL B 148 16.04 1.35 -3.54
N LYS B 149 17.24 0.94 -3.93
CA LYS B 149 17.45 -0.34 -4.56
C LYS B 149 18.00 -1.50 -3.72
N ASP B 150 17.61 -2.70 -4.12
CA ASP B 150 18.03 -3.96 -3.54
C ASP B 150 17.95 -4.13 -2.02
N TYR B 151 16.75 -4.37 -1.51
CA TYR B 151 16.58 -4.56 -0.07
C TYR B 151 15.57 -5.66 0.22
N PHE B 152 15.70 -6.25 1.40
CA PHE B 152 14.79 -7.30 1.82
C PHE B 152 14.87 -7.34 3.35
N PRO B 153 13.73 -7.46 4.03
CA PRO B 153 12.38 -7.56 3.47
C PRO B 153 11.78 -6.16 3.46
N GLN B 154 10.48 -6.06 3.31
CA GLN B 154 9.83 -4.77 3.38
C GLN B 154 9.75 -4.51 4.89
N PRO B 155 9.59 -3.26 5.30
CA PRO B 155 9.48 -2.10 4.42
C PRO B 155 10.57 -1.04 4.59
N VAL B 156 10.46 -0.02 3.76
CA VAL B 156 11.35 1.13 3.79
C VAL B 156 10.41 2.31 3.94
N THR B 157 10.90 3.39 4.55
CA THR B 157 10.10 4.57 4.68
C THR B 157 10.98 5.70 4.14
N VAL B 158 10.47 6.42 3.15
CA VAL B 158 11.23 7.52 2.55
C VAL B 158 10.54 8.80 2.94
N SER B 159 11.31 9.83 3.31
CA SER B 159 10.76 11.14 3.64
C SER B 159 11.64 12.17 2.95
N TRP B 160 11.17 13.40 2.81
CA TRP B 160 11.97 14.44 2.16
C TRP B 160 12.19 15.62 3.06
N ASN B 161 13.46 16.01 3.19
CA ASN B 161 13.85 17.13 4.02
C ASN B 161 13.24 16.99 5.40
N SER B 162 13.41 15.80 5.97
CA SER B 162 12.92 15.47 7.30
C SER B 162 11.41 15.64 7.45
N GLY B 163 10.67 15.40 6.38
CA GLY B 163 9.22 15.52 6.44
C GLY B 163 8.71 16.93 6.15
N ALA B 164 9.62 17.88 5.99
CA ALA B 164 9.24 19.25 5.68
C ALA B 164 8.65 19.35 4.26
N LEU B 165 9.26 18.66 3.30
CA LEU B 165 8.77 18.68 1.93
C LEU B 165 7.74 17.56 1.75
N THR B 166 6.46 17.92 1.69
CA THR B 166 5.41 16.92 1.55
C THR B 166 4.62 16.93 0.24
N SER B 167 4.44 18.11 -0.34
CA SER B 167 3.67 18.22 -1.58
C SER B 167 4.48 17.92 -2.84
N GLY B 168 3.87 17.12 -3.72
CA GLY B 168 4.52 16.76 -4.97
C GLY B 168 5.32 15.49 -4.88
N VAL B 169 5.37 14.90 -3.69
CA VAL B 169 6.09 13.67 -3.42
C VAL B 169 5.30 12.47 -3.95
N HIS B 170 5.98 11.52 -4.60
CA HIS B 170 5.34 10.34 -5.16
C HIS B 170 6.23 9.14 -4.84
N THR B 171 6.04 8.53 -3.69
CA THR B 171 6.85 7.37 -3.37
C THR B 171 6.04 6.15 -3.82
N PHE B 172 6.56 5.51 -4.87
CA PHE B 172 5.93 4.34 -5.48
C PHE B 172 5.93 3.06 -4.67
N PRO B 173 4.95 2.18 -4.94
CA PRO B 173 4.95 0.93 -4.18
C PRO B 173 6.17 0.11 -4.63
N ALA B 174 6.75 -0.63 -3.70
CA ALA B 174 7.92 -1.46 -3.98
C ALA B 174 7.63 -2.56 -4.98
N VAL B 175 8.63 -2.90 -5.76
CA VAL B 175 8.49 -3.94 -6.75
C VAL B 175 9.50 -5.01 -6.43
N LEU B 176 9.07 -6.26 -6.48
CA LEU B 176 9.96 -7.37 -6.23
C LEU B 176 10.63 -7.68 -7.55
N GLN B 177 11.96 -7.60 -7.56
CA GLN B 177 12.71 -7.88 -8.77
C GLN B 177 13.03 -9.36 -8.88
N SER B 178 13.61 -9.77 -10.01
CA SER B 178 13.96 -11.17 -10.24
C SER B 178 14.94 -11.67 -9.21
N SER B 179 15.79 -10.77 -8.73
CA SER B 179 16.78 -11.09 -7.73
C SER B 179 16.14 -11.45 -6.38
N GLY B 180 14.83 -11.28 -6.26
CA GLY B 180 14.15 -11.60 -5.02
C GLY B 180 14.23 -10.48 -4.02
N LEU B 181 14.79 -9.35 -4.46
CA LEU B 181 14.93 -8.18 -3.62
C LEU B 181 13.94 -7.11 -4.12
N TYR B 182 13.54 -6.21 -3.23
CA TYR B 182 12.64 -5.13 -3.58
C TYR B 182 13.40 -3.90 -4.06
N SER B 183 12.66 -2.98 -4.67
CA SER B 183 13.20 -1.73 -5.18
C SER B 183 12.04 -0.74 -5.28
N LEU B 184 12.26 0.49 -4.82
CA LEU B 184 11.22 1.54 -4.93
C LEU B 184 11.82 2.88 -5.28
N SER B 185 10.96 3.82 -5.67
CA SER B 185 11.40 5.16 -6.00
C SER B 185 10.49 6.17 -5.34
N SER B 186 11.08 7.25 -4.86
CA SER B 186 10.33 8.31 -4.25
C SER B 186 10.67 9.48 -5.15
N VAL B 187 9.67 10.19 -5.63
CA VAL B 187 9.89 11.31 -6.53
C VAL B 187 9.14 12.57 -6.10
N VAL B 188 9.79 13.72 -6.21
CA VAL B 188 9.16 14.98 -5.85
C VAL B 188 9.33 16.03 -6.94
N THR B 189 8.23 16.73 -7.25
CA THR B 189 8.23 17.78 -8.26
C THR B 189 8.44 19.15 -7.63
N VAL B 190 9.41 19.89 -8.15
CA VAL B 190 9.74 21.21 -7.62
C VAL B 190 9.86 22.25 -8.74
N PRO B 191 9.72 23.53 -8.37
CA PRO B 191 9.84 24.59 -9.38
C PRO B 191 11.27 24.58 -9.84
N SER B 192 11.49 24.49 -11.15
CA SER B 192 12.85 24.45 -11.68
C SER B 192 13.76 25.56 -11.16
N SER B 193 13.19 26.68 -10.71
CA SER B 193 13.98 27.77 -10.19
C SER B 193 14.55 27.54 -8.78
N SER B 194 14.09 26.48 -8.11
CA SER B 194 14.55 26.17 -6.75
C SER B 194 15.83 25.37 -6.79
N LEU B 195 16.03 24.65 -7.89
CA LEU B 195 17.23 23.83 -8.06
C LEU B 195 18.44 24.77 -7.98
N GLY B 196 19.48 24.32 -7.31
CA GLY B 196 20.64 25.15 -7.18
C GLY B 196 20.56 26.11 -6.01
N THR B 197 19.40 26.23 -5.39
CA THR B 197 19.28 27.13 -4.25
C THR B 197 18.74 26.39 -3.03
N GLN B 198 17.68 25.61 -3.23
CA GLN B 198 17.08 24.84 -2.16
C GLN B 198 17.78 23.48 -2.08
N THR B 199 17.83 22.92 -0.88
CA THR B 199 18.46 21.62 -0.66
C THR B 199 17.38 20.55 -0.60
N TYR B 200 17.58 19.49 -1.38
CA TYR B 200 16.63 18.40 -1.41
C TYR B 200 17.34 17.11 -0.96
N ILE B 201 16.81 16.53 0.12
CA ILE B 201 17.39 15.33 0.70
C ILE B 201 16.34 14.29 1.02
N CYS B 202 16.52 13.08 0.50
CA CYS B 202 15.59 11.98 0.79
C CYS B 202 16.12 11.18 1.98
N ASN B 203 15.26 10.97 2.96
CA ASN B 203 15.62 10.25 4.15
C ASN B 203 15.07 8.85 4.00
N VAL B 204 15.97 7.88 4.05
CA VAL B 204 15.59 6.49 3.89
C VAL B 204 15.91 5.66 5.11
N ASN B 205 14.89 5.04 5.68
CA ASN B 205 15.11 4.18 6.83
C ASN B 205 14.57 2.77 6.53
N HIS B 206 15.36 1.77 6.87
CA HIS B 206 15.01 0.38 6.66
C HIS B 206 15.38 -0.36 7.94
N LYS B 207 14.57 -0.22 8.97
CA LYS B 207 14.82 -0.83 10.27
C LYS B 207 15.36 -2.26 10.33
N PRO B 208 14.85 -3.18 9.49
CA PRO B 208 15.33 -4.56 9.51
C PRO B 208 16.83 -4.72 9.43
N SER B 209 17.45 -4.03 8.49
CA SER B 209 18.87 -4.13 8.32
C SER B 209 19.52 -2.95 9.00
N ASN B 210 18.76 -2.24 9.83
CA ASN B 210 19.24 -1.05 10.54
C ASN B 210 19.81 0.08 9.65
N THR B 211 19.43 0.13 8.37
CA THR B 211 19.89 1.15 7.44
C THR B 211 19.12 2.47 7.59
N LYS B 212 19.88 3.57 7.53
CA LYS B 212 19.36 4.92 7.67
C LYS B 212 20.32 5.76 6.82
N VAL B 213 19.84 6.31 5.72
CA VAL B 213 20.69 7.09 4.84
C VAL B 213 19.96 8.29 4.29
N ASP B 214 20.61 9.45 4.36
CA ASP B 214 20.07 10.70 3.86
C ASP B 214 20.90 11.04 2.64
N LYS B 215 20.29 10.94 1.47
CA LYS B 215 20.99 11.23 0.23
C LYS B 215 20.57 12.62 -0.29
N ARG B 216 21.56 13.46 -0.57
CA ARG B 216 21.33 14.82 -1.08
C ARG B 216 21.27 14.74 -2.61
N VAL B 217 20.13 15.11 -3.18
CA VAL B 217 19.96 15.06 -4.62
C VAL B 217 20.33 16.41 -5.25
N GLU B 218 21.20 16.38 -6.27
CA GLU B 218 21.64 17.61 -6.94
C GLU B 218 21.60 17.49 -8.45
N PRO B 219 21.45 18.62 -9.15
CA PRO B 219 21.40 18.65 -10.61
C PRO B 219 22.79 18.54 -11.22
S SO4 C . -20.48 -18.22 2.82
O1 SO4 C . -19.14 -17.61 2.98
O2 SO4 C . -20.39 -19.66 2.51
O3 SO4 C . -21.18 -17.56 1.70
O4 SO4 C . -21.21 -18.02 4.09
#